data_4J86
#
_entry.id   4J86
#
_cell.length_a   73.9760
_cell.length_b   50.6480
_cell.length_c   83.5760
_cell.angle_alpha   90.0000
_cell.angle_beta   99.4590
_cell.angle_gamma   90.0000
#
_symmetry.space_group_name_H-M   'P 1 21 1'
#
loop_
_entity.id
_entity.type
_entity.pdbx_description
1 polymer "Coatomer subunit beta'"
2 polymer 'Dolichyl-diphosphooligosaccharide--protein glycosyltransferase subunit WBP1'
3 water water
#
loop_
_entity_poly.entity_id
_entity_poly.type
_entity_poly.pdbx_seq_one_letter_code
_entity_poly.pdbx_strand_id
1 'polypeptide(L)'
;MKLDIKKTFSNRSDRVKGIDFHPTEPWVLTTLYSGRVEIWNYETQVEVRSIQVTETPVRAGKFIARKNWIIVGSDDFRIR
VFNYNTGEKVVDFEAHPDYIRSIAVHPTKPYVLSGSDDLTVKLWNWENNWALEQTFEGHEHFVMCVAFNPKDPSTFASGC
LDRTVKVWSLGQSTPNFTLTTGQERGVNYVDYYPLPDKPYMITASDDLTIKIWDYQTKSCVATLEGHMSNVSFAVFHPTL
PIIISGSEDGTLKIWNSSTYKVEKTLNVGLERSWCIATHPTGRKNYIASGFDNGFTVLSLG
;
A,B
2 'polypeptide(L)' TFKKTN C,D
#
# COMPACT_ATOMS: atom_id res chain seq x y z
N MET A 1 -2.38 -39.96 11.15
CA MET A 1 -3.67 -40.04 10.42
C MET A 1 -3.41 -40.58 9.02
N LYS A 2 -4.44 -41.14 8.40
CA LYS A 2 -4.41 -41.50 6.99
C LYS A 2 -5.35 -40.54 6.30
N LEU A 3 -4.76 -39.53 5.70
CA LEU A 3 -5.47 -38.48 4.98
C LEU A 3 -5.76 -38.79 3.50
N ASP A 4 -5.13 -39.84 2.96
CA ASP A 4 -5.12 -40.19 1.52
C ASP A 4 -5.73 -39.09 0.66
N ILE A 5 -4.95 -38.03 0.49
CA ILE A 5 -5.43 -36.84 -0.18
C ILE A 5 -5.43 -37.05 -1.69
N LYS A 6 -6.49 -36.59 -2.35
CA LYS A 6 -6.60 -36.74 -3.81
C LYS A 6 -6.82 -35.39 -4.45
N LYS A 7 -6.10 -35.12 -5.54
CA LYS A 7 -6.30 -33.88 -6.30
C LYS A 7 -7.52 -33.98 -7.21
N THR A 8 -8.58 -33.25 -6.86
CA THR A 8 -9.80 -33.33 -7.62
C THR A 8 -9.69 -32.52 -8.90
N PHE A 9 -9.22 -31.28 -8.75
CA PHE A 9 -9.02 -30.40 -9.90
C PHE A 9 -8.08 -29.28 -9.51
N SER A 10 -7.13 -28.98 -10.38
CA SER A 10 -6.31 -27.79 -10.20
C SER A 10 -6.16 -27.13 -11.55
N ASN A 11 -6.12 -25.81 -11.56
CA ASN A 11 -5.88 -25.08 -12.78
C ASN A 11 -5.01 -23.86 -12.50
N ARG A 12 -4.25 -23.42 -13.50
CA ARG A 12 -3.43 -22.23 -13.34
C ARG A 12 -4.20 -20.97 -13.72
N SER A 13 -3.87 -19.87 -13.04
CA SER A 13 -4.51 -18.57 -13.26
C SER A 13 -3.66 -17.51 -12.58
N ASP A 14 -4.02 -16.25 -12.79
CA ASP A 14 -3.49 -15.19 -11.98
C ASP A 14 -3.84 -15.42 -10.51
N ARG A 15 -3.14 -14.69 -9.67
CA ARG A 15 -3.19 -14.87 -8.23
C ARG A 15 -4.63 -14.88 -7.70
N VAL A 16 -4.96 -15.94 -6.98
CA VAL A 16 -6.30 -16.13 -6.44
C VAL A 16 -6.33 -15.62 -5.00
N LYS A 17 -7.14 -14.59 -4.77
CA LYS A 17 -7.25 -13.92 -3.48
C LYS A 17 -8.46 -14.34 -2.66
N GLY A 18 -9.52 -14.78 -3.34
CA GLY A 18 -10.74 -15.24 -2.69
C GLY A 18 -11.18 -16.55 -3.31
N ILE A 19 -11.78 -17.41 -2.50
CA ILE A 19 -12.25 -18.70 -2.99
C ILE A 19 -13.45 -19.17 -2.15
N ASP A 20 -14.41 -19.85 -2.76
CA ASP A 20 -15.64 -20.29 -2.05
C ASP A 20 -16.26 -21.50 -2.75
N PHE A 21 -16.82 -22.44 -1.99
CA PHE A 21 -17.61 -23.55 -2.55
C PHE A 21 -19.11 -23.23 -2.58
N HIS A 22 -19.78 -23.64 -3.66
CA HIS A 22 -21.24 -23.62 -3.73
C HIS A 22 -21.75 -24.81 -2.91
N PRO A 23 -22.84 -24.63 -2.17
CA PRO A 23 -23.29 -25.70 -1.26
C PRO A 23 -23.98 -26.88 -1.95
N THR A 24 -24.54 -26.68 -3.12
CA THR A 24 -25.27 -27.77 -3.78
C THR A 24 -24.88 -28.13 -5.21
N GLU A 25 -24.14 -27.25 -5.88
CA GLU A 25 -23.52 -27.58 -7.15
C GLU A 25 -22.05 -27.79 -6.92
N PRO A 26 -21.39 -28.63 -7.73
CA PRO A 26 -19.96 -28.94 -7.55
C PRO A 26 -19.08 -27.83 -8.15
N TRP A 27 -19.28 -26.63 -7.61
CA TRP A 27 -18.63 -25.43 -8.15
C TRP A 27 -17.73 -24.76 -7.13
N VAL A 28 -16.64 -24.18 -7.61
CA VAL A 28 -15.81 -23.30 -6.82
C VAL A 28 -15.72 -21.93 -7.52
N LEU A 29 -15.82 -20.88 -6.72
CA LEU A 29 -15.61 -19.50 -7.18
C LEU A 29 -14.19 -19.08 -6.82
N THR A 30 -13.46 -18.50 -7.78
CA THR A 30 -12.19 -17.88 -7.49
C THR A 30 -12.25 -16.41 -7.85
N THR A 31 -11.59 -15.58 -7.05
CA THR A 31 -11.51 -14.16 -7.36
C THR A 31 -10.04 -13.78 -7.46
N LEU A 32 -9.69 -13.08 -8.56
CA LEU A 32 -8.30 -12.91 -8.92
C LEU A 32 -7.76 -11.50 -8.81
N TYR A 33 -6.45 -11.43 -8.64
CA TYR A 33 -5.73 -10.17 -8.57
C TYR A 33 -5.89 -9.31 -9.82
N SER A 34 -6.20 -9.95 -10.95
CA SER A 34 -6.35 -9.30 -12.23
C SER A 34 -7.70 -8.65 -12.45
N GLY A 35 -8.63 -8.78 -11.49
CA GLY A 35 -9.94 -8.19 -11.64
C GLY A 35 -11.01 -9.13 -12.16
N ARG A 36 -10.57 -10.36 -12.45
CA ARG A 36 -11.42 -11.40 -12.99
C ARG A 36 -11.92 -12.35 -11.88
N VAL A 37 -13.10 -12.89 -12.07
CA VAL A 37 -13.61 -13.97 -11.22
C VAL A 37 -14.02 -15.16 -12.09
N GLU A 38 -13.85 -16.37 -11.55
CA GLU A 38 -14.16 -17.59 -12.31
C GLU A 38 -14.98 -18.52 -11.43
N ILE A 39 -15.96 -19.19 -12.06
CA ILE A 39 -16.66 -20.30 -11.42
C ILE A 39 -16.36 -21.55 -12.21
N TRP A 40 -15.82 -22.56 -11.52
CA TRP A 40 -15.44 -23.82 -12.12
C TRP A 40 -16.27 -24.95 -11.54
N ASN A 41 -16.74 -25.85 -12.41
CA ASN A 41 -17.25 -27.14 -11.96
C ASN A 41 -16.03 -28.04 -11.81
N TYR A 42 -15.68 -28.38 -10.58
CA TYR A 42 -14.45 -29.12 -10.33
C TYR A 42 -14.58 -30.64 -10.53
N GLU A 43 -15.81 -31.11 -10.69
CA GLU A 43 -16.04 -32.52 -11.02
C GLU A 43 -16.01 -32.79 -12.53
N THR A 44 -16.57 -31.91 -13.34
CA THR A 44 -16.47 -32.02 -14.79
C THR A 44 -15.26 -31.28 -15.37
N GLN A 45 -14.63 -30.42 -14.57
CA GLN A 45 -13.46 -29.66 -14.98
C GLN A 45 -13.77 -28.72 -16.15
N VAL A 46 -14.88 -28.01 -16.02
CA VAL A 46 -15.37 -27.09 -17.05
C VAL A 46 -15.66 -25.76 -16.37
N GLU A 47 -15.33 -24.67 -17.05
CA GLU A 47 -15.58 -23.34 -16.54
C GLU A 47 -17.03 -22.99 -16.75
N VAL A 48 -17.72 -22.74 -15.65
CA VAL A 48 -19.14 -22.45 -15.68
C VAL A 48 -19.41 -21.04 -16.19
N ARG A 49 -18.70 -20.07 -15.61
CA ARG A 49 -18.87 -18.68 -15.96
C ARG A 49 -17.67 -17.94 -15.46
N SER A 50 -17.25 -16.91 -16.20
CA SER A 50 -16.24 -15.99 -15.71
C SER A 50 -16.66 -14.57 -16.04
N ILE A 51 -16.14 -13.62 -15.27
CA ILE A 51 -16.46 -12.20 -15.47
C ILE A 51 -15.20 -11.38 -15.25
N GLN A 52 -14.93 -10.46 -16.17
CA GLN A 52 -13.92 -9.46 -15.92
C GLN A 52 -14.62 -8.32 -15.20
N VAL A 53 -14.51 -8.32 -13.87
CA VAL A 53 -15.30 -7.43 -13.03
C VAL A 53 -14.76 -6.00 -13.02
N THR A 54 -13.45 -5.89 -12.98
CA THR A 54 -12.77 -4.63 -12.76
C THR A 54 -11.31 -4.78 -13.17
N GLU A 55 -10.55 -3.69 -13.14
CA GLU A 55 -9.11 -3.77 -13.42
C GLU A 55 -8.28 -3.96 -12.15
N THR A 56 -8.93 -3.92 -11.01
CA THR A 56 -8.23 -3.96 -9.72
C THR A 56 -8.41 -5.35 -9.09
N PRO A 57 -7.58 -5.68 -8.10
CA PRO A 57 -7.75 -6.98 -7.45
C PRO A 57 -9.12 -7.16 -6.84
N VAL A 58 -9.68 -8.35 -7.03
CA VAL A 58 -10.91 -8.74 -6.36
C VAL A 58 -10.47 -9.64 -5.21
N ARG A 59 -10.48 -9.08 -4.00
CA ARG A 59 -9.89 -9.74 -2.85
C ARG A 59 -10.83 -10.66 -2.13
N ALA A 60 -12.14 -10.49 -2.32
CA ALA A 60 -13.12 -11.26 -1.59
C ALA A 60 -14.23 -11.68 -2.51
N GLY A 61 -14.71 -12.89 -2.31
CA GLY A 61 -15.85 -13.38 -3.06
C GLY A 61 -16.56 -14.52 -2.36
N LYS A 62 -17.88 -14.50 -2.37
CA LYS A 62 -18.69 -15.58 -1.82
C LYS A 62 -19.88 -15.89 -2.72
N PHE A 63 -20.32 -17.13 -2.71
CA PHE A 63 -21.65 -17.44 -3.19
C PHE A 63 -22.68 -16.96 -2.19
N ILE A 64 -23.82 -16.51 -2.71
CA ILE A 64 -25.07 -16.42 -1.93
C ILE A 64 -26.04 -17.33 -2.68
N ALA A 65 -25.92 -18.62 -2.42
CA ALA A 65 -26.56 -19.64 -3.23
C ALA A 65 -28.06 -19.51 -3.23
N ARG A 66 -28.64 -19.11 -2.10
CA ARG A 66 -30.09 -19.03 -1.99
C ARG A 66 -30.69 -17.90 -2.85
N LYS A 67 -29.84 -17.04 -3.39
CA LYS A 67 -30.28 -15.98 -4.30
C LYS A 67 -29.70 -16.15 -5.70
N ASN A 68 -28.97 -17.25 -5.92
CA ASN A 68 -28.28 -17.48 -7.18
C ASN A 68 -27.28 -16.37 -7.53
N TRP A 69 -26.62 -15.86 -6.49
CA TRP A 69 -25.67 -14.75 -6.64
C TRP A 69 -24.25 -15.17 -6.27
N ILE A 70 -23.30 -14.40 -6.80
CA ILE A 70 -22.00 -14.22 -6.16
C ILE A 70 -21.88 -12.74 -5.74
N ILE A 71 -21.14 -12.50 -4.65
CA ILE A 71 -20.85 -11.16 -4.17
C ILE A 71 -19.33 -11.04 -4.08
N VAL A 72 -18.79 -9.95 -4.61
CA VAL A 72 -17.35 -9.76 -4.67
C VAL A 72 -16.97 -8.35 -4.22
N GLY A 73 -15.76 -8.20 -3.68
CA GLY A 73 -15.27 -6.91 -3.25
C GLY A 73 -13.86 -6.69 -3.79
N SER A 74 -13.59 -5.47 -4.23
CA SER A 74 -12.38 -5.15 -4.95
C SER A 74 -11.74 -3.85 -4.51
N ASP A 75 -10.48 -3.67 -4.91
CA ASP A 75 -9.65 -2.56 -4.46
C ASP A 75 -10.08 -1.20 -5.02
N ASP A 76 -11.02 -1.22 -5.96
CA ASP A 76 -11.64 -0.01 -6.45
C ASP A 76 -12.75 0.46 -5.51
N PHE A 77 -12.85 -0.19 -4.35
CA PHE A 77 -13.73 0.23 -3.24
C PHE A 77 -15.15 -0.31 -3.35
N ARG A 78 -15.42 -1.12 -4.37
CA ARG A 78 -16.78 -1.53 -4.69
C ARG A 78 -17.13 -2.94 -4.25
N ILE A 79 -18.37 -3.10 -3.80
CA ILE A 79 -19.03 -4.39 -3.72
C ILE A 79 -19.94 -4.51 -4.95
N ARG A 80 -19.83 -5.64 -5.63
CA ARG A 80 -20.67 -5.95 -6.76
C ARG A 80 -21.29 -7.34 -6.58
N VAL A 81 -22.51 -7.49 -7.06
CA VAL A 81 -23.23 -8.74 -6.95
C VAL A 81 -23.67 -9.12 -8.34
N PHE A 82 -23.46 -10.38 -8.69
CA PHE A 82 -23.85 -10.90 -10.00
C PHE A 82 -24.72 -12.14 -9.85
N ASN A 83 -25.71 -12.27 -10.73
CA ASN A 83 -26.46 -13.53 -10.83
C ASN A 83 -25.62 -14.51 -11.65
N TYR A 84 -25.30 -15.65 -11.07
CA TYR A 84 -24.38 -16.55 -11.76
C TYR A 84 -25.02 -17.38 -12.87
N ASN A 85 -26.35 -17.37 -12.93
CA ASN A 85 -27.06 -18.08 -14.02
C ASN A 85 -27.19 -17.23 -15.28
N THR A 86 -27.23 -15.91 -15.11
CA THR A 86 -27.43 -14.99 -16.24
C THR A 86 -26.25 -14.06 -16.47
N GLY A 87 -25.38 -13.90 -15.48
CA GLY A 87 -24.29 -12.94 -15.57
C GLY A 87 -24.71 -11.50 -15.27
N GLU A 88 -26.00 -11.28 -15.03
CA GLU A 88 -26.51 -9.94 -14.78
C GLU A 88 -25.88 -9.33 -13.50
N LYS A 89 -25.45 -8.07 -13.59
CA LYS A 89 -24.98 -7.35 -12.41
C LYS A 89 -26.17 -6.78 -11.63
N VAL A 90 -26.33 -7.28 -10.41
CA VAL A 90 -27.48 -7.00 -9.55
C VAL A 90 -27.33 -5.68 -8.80
N VAL A 91 -26.12 -5.41 -8.32
CA VAL A 91 -25.81 -4.16 -7.63
C VAL A 91 -24.31 -3.88 -7.73
N ASP A 92 -23.96 -2.60 -7.58
CA ASP A 92 -22.58 -2.15 -7.70
C ASP A 92 -22.52 -0.84 -6.91
N PHE A 93 -21.91 -0.88 -5.73
CA PHE A 93 -21.82 0.32 -4.89
C PHE A 93 -20.50 0.45 -4.19
N GLU A 94 -20.14 1.69 -3.86
CA GLU A 94 -18.94 1.92 -3.07
C GLU A 94 -19.23 1.56 -1.64
N ALA A 95 -18.44 0.61 -1.12
CA ALA A 95 -18.70 0.08 0.21
C ALA A 95 -17.78 0.69 1.27
N HIS A 96 -16.55 1.01 0.88
CA HIS A 96 -15.52 1.53 1.78
C HIS A 96 -14.61 2.41 0.95
N PRO A 97 -14.00 3.41 1.58
CA PRO A 97 -13.04 4.27 0.85
C PRO A 97 -11.62 3.70 0.86
N ASP A 98 -11.52 2.39 0.88
CA ASP A 98 -10.24 1.73 0.90
C ASP A 98 -10.49 0.26 0.51
N TYR A 99 -9.43 -0.53 0.45
CA TYR A 99 -9.53 -1.94 0.03
C TYR A 99 -10.52 -2.74 0.89
N ILE A 100 -11.18 -3.67 0.25
CA ILE A 100 -12.10 -4.59 0.91
C ILE A 100 -11.35 -5.92 1.04
N ARG A 101 -11.18 -6.39 2.27
CA ARG A 101 -10.40 -7.61 2.51
C ARG A 101 -11.22 -8.87 2.56
N SER A 102 -12.48 -8.77 2.99
CA SER A 102 -13.20 -9.96 3.42
C SER A 102 -14.69 -9.68 3.40
N ILE A 103 -15.46 -10.67 2.95
CA ILE A 103 -16.90 -10.62 2.93
C ILE A 103 -17.44 -11.90 3.57
N ALA A 104 -18.44 -11.75 4.43
CA ALA A 104 -19.13 -12.89 5.01
C ALA A 104 -20.63 -12.74 4.81
N VAL A 105 -21.29 -13.86 4.62
CA VAL A 105 -22.73 -13.90 4.30
C VAL A 105 -23.48 -14.58 5.44
N HIS A 106 -24.51 -13.93 5.97
CA HIS A 106 -25.31 -14.47 7.07
C HIS A 106 -26.11 -15.65 6.54
N PRO A 107 -26.15 -16.75 7.31
CA PRO A 107 -26.83 -17.95 6.78
C PRO A 107 -28.36 -17.90 6.71
N THR A 108 -29.01 -17.06 7.51
CA THR A 108 -30.47 -17.03 7.52
C THR A 108 -31.17 -15.67 7.43
N LYS A 109 -30.39 -14.59 7.38
CA LYS A 109 -30.94 -13.24 7.27
C LYS A 109 -30.22 -12.59 6.08
N PRO A 110 -30.84 -11.58 5.47
CA PRO A 110 -30.30 -10.98 4.24
C PRO A 110 -29.17 -9.97 4.52
N TYR A 111 -28.15 -10.46 5.22
CA TYR A 111 -27.08 -9.64 5.71
C TYR A 111 -25.74 -10.09 5.15
N VAL A 112 -24.94 -9.11 4.76
CA VAL A 112 -23.54 -9.35 4.41
C VAL A 112 -22.65 -8.44 5.24
N LEU A 113 -21.51 -8.95 5.67
CA LEU A 113 -20.48 -8.17 6.33
C LEU A 113 -19.31 -7.95 5.39
N SER A 114 -18.77 -6.74 5.37
CA SER A 114 -17.49 -6.48 4.72
C SER A 114 -16.48 -5.88 5.70
N GLY A 115 -15.24 -6.34 5.61
CA GLY A 115 -14.14 -5.79 6.38
C GLY A 115 -13.12 -5.11 5.48
N SER A 116 -12.57 -4.00 5.95
CA SER A 116 -11.80 -3.11 5.09
C SER A 116 -10.54 -2.54 5.75
N ASP A 117 -9.61 -2.11 4.90
CA ASP A 117 -8.48 -1.31 5.33
C ASP A 117 -8.89 0.04 5.93
N ASP A 118 -10.14 0.45 5.78
CA ASP A 118 -10.64 1.68 6.41
C ASP A 118 -10.92 1.52 7.91
N LEU A 119 -10.53 0.38 8.48
CA LEU A 119 -10.57 0.10 9.92
C LEU A 119 -11.93 -0.35 10.42
N THR A 120 -12.87 -0.58 9.49
CA THR A 120 -14.23 -0.92 9.87
C THR A 120 -14.74 -2.25 9.33
N VAL A 121 -15.80 -2.73 9.96
CA VAL A 121 -16.66 -3.75 9.40
C VAL A 121 -18.01 -3.09 9.16
N LYS A 122 -18.62 -3.36 8.01
CA LYS A 122 -19.95 -2.86 7.70
C LYS A 122 -20.93 -4.00 7.43
N LEU A 123 -22.16 -3.78 7.87
CA LEU A 123 -23.26 -4.70 7.70
C LEU A 123 -24.24 -4.12 6.69
N TRP A 124 -24.49 -4.87 5.62
CA TRP A 124 -25.37 -4.47 4.52
C TRP A 124 -26.60 -5.39 4.50
N ASN A 125 -27.76 -4.80 4.23
CA ASN A 125 -29.03 -5.54 4.19
C ASN A 125 -29.58 -5.54 2.78
N TRP A 126 -29.49 -6.67 2.07
CA TRP A 126 -29.88 -6.69 0.67
C TRP A 126 -31.38 -6.59 0.44
N GLU A 127 -32.17 -6.76 1.48
CA GLU A 127 -33.61 -6.60 1.33
C GLU A 127 -34.05 -5.16 1.64
N ASN A 128 -33.10 -4.31 1.99
CA ASN A 128 -33.35 -2.89 2.21
C ASN A 128 -32.50 -2.05 1.24
N ASN A 129 -32.47 -2.48 -0.01
CA ASN A 129 -31.77 -1.77 -1.06
C ASN A 129 -30.29 -1.67 -0.73
N TRP A 130 -29.77 -2.76 -0.16
CA TRP A 130 -28.36 -2.83 0.22
C TRP A 130 -27.97 -1.68 1.14
N ALA A 131 -28.87 -1.38 2.07
CA ALA A 131 -28.64 -0.35 3.07
C ALA A 131 -27.44 -0.69 3.95
N LEU A 132 -26.70 0.33 4.32
CA LEU A 132 -25.73 0.22 5.39
C LEU A 132 -26.47 0.25 6.71
N GLU A 133 -26.61 -0.90 7.33
CA GLU A 133 -27.37 -1.00 8.57
C GLU A 133 -26.54 -0.68 9.79
N GLN A 134 -25.25 -1.00 9.75
CA GLN A 134 -24.38 -0.75 10.89
C GLN A 134 -22.93 -0.71 10.45
N THR A 135 -22.17 0.16 11.08
CA THR A 135 -20.73 0.21 10.96
C THR A 135 -20.13 -0.10 12.32
N PHE A 136 -19.21 -1.05 12.36
CA PHE A 136 -18.56 -1.48 13.59
C PHE A 136 -17.17 -0.86 13.65
N GLU A 137 -16.97 0.06 14.59
CA GLU A 137 -15.76 0.84 14.71
C GLU A 137 -15.03 0.49 15.98
N GLY A 138 -13.71 0.57 15.92
CA GLY A 138 -12.88 0.27 17.07
C GLY A 138 -11.53 -0.34 16.74
N HIS A 139 -11.43 -1.08 15.63
CA HIS A 139 -10.14 -1.59 15.21
C HIS A 139 -9.22 -0.43 14.83
N GLU A 140 -7.92 -0.69 14.88
CA GLU A 140 -6.93 0.37 14.68
C GLU A 140 -5.95 0.10 13.53
N HIS A 141 -6.27 -0.90 12.70
CA HIS A 141 -5.49 -1.23 11.51
C HIS A 141 -6.43 -2.01 10.57
N PHE A 142 -5.90 -2.56 9.50
CA PHE A 142 -6.73 -3.11 8.43
C PHE A 142 -7.48 -4.29 9.01
N VAL A 143 -8.78 -4.36 8.71
CA VAL A 143 -9.60 -5.51 9.10
C VAL A 143 -9.46 -6.55 7.99
N MET A 144 -8.79 -7.66 8.31
CA MET A 144 -8.37 -8.62 7.31
C MET A 144 -9.37 -9.73 7.03
N CYS A 145 -10.26 -9.99 7.99
CA CYS A 145 -11.11 -11.15 7.89
C CYS A 145 -12.33 -10.95 8.79
N VAL A 146 -13.50 -11.31 8.27
CA VAL A 146 -14.73 -11.32 9.04
C VAL A 146 -15.41 -12.67 8.87
N ALA A 147 -16.02 -13.16 9.95
CA ALA A 147 -16.71 -14.44 9.94
C ALA A 147 -17.83 -14.48 10.96
N PHE A 148 -19.01 -14.91 10.51
CA PHE A 148 -20.09 -15.17 11.45
C PHE A 148 -19.82 -16.42 12.28
N ASN A 149 -20.28 -16.42 13.52
CA ASN A 149 -20.26 -17.63 14.33
C ASN A 149 -21.39 -18.53 13.79
N PRO A 150 -21.03 -19.68 13.23
CA PRO A 150 -22.07 -20.48 12.57
C PRO A 150 -23.09 -21.05 13.57
N LYS A 151 -22.73 -21.07 14.84
CA LYS A 151 -23.63 -21.54 15.90
C LYS A 151 -24.49 -20.43 16.47
N ASP A 152 -24.10 -19.18 16.21
CA ASP A 152 -24.89 -18.03 16.65
C ASP A 152 -24.54 -16.86 15.76
N PRO A 153 -25.16 -16.79 14.60
CA PRO A 153 -24.77 -15.76 13.62
C PRO A 153 -25.34 -14.38 13.95
N SER A 154 -25.86 -14.19 15.16
CA SER A 154 -26.09 -12.83 15.64
C SER A 154 -24.78 -12.23 16.10
N THR A 155 -23.72 -13.05 16.12
CA THR A 155 -22.39 -12.58 16.48
C THR A 155 -21.43 -12.93 15.36
N PHE A 156 -20.35 -12.17 15.28
CA PHE A 156 -19.31 -12.41 14.31
C PHE A 156 -17.98 -11.93 14.87
N ALA A 157 -16.91 -12.42 14.24
CA ALA A 157 -15.55 -12.06 14.62
C ALA A 157 -14.86 -11.30 13.48
N SER A 158 -14.02 -10.35 13.86
CA SER A 158 -13.14 -9.66 12.93
C SER A 158 -11.71 -9.81 13.39
N GLY A 159 -10.83 -10.10 12.43
CA GLY A 159 -9.41 -10.25 12.71
C GLY A 159 -8.68 -9.11 12.06
N CYS A 160 -7.72 -8.54 12.76
CA CYS A 160 -7.17 -7.25 12.36
C CYS A 160 -5.66 -7.20 12.53
N LEU A 161 -5.00 -6.41 11.68
CA LEU A 161 -3.56 -6.18 11.83
C LEU A 161 -3.17 -5.41 13.12
N ASP A 162 -4.17 -4.90 13.86
CA ASP A 162 -3.94 -4.29 15.16
C ASP A 162 -3.69 -5.32 16.28
N ARG A 163 -3.55 -6.59 15.89
CA ARG A 163 -3.19 -7.72 16.77
C ARG A 163 -4.38 -8.25 17.60
N THR A 164 -5.58 -7.83 17.26
CA THR A 164 -6.75 -8.29 17.97
C THR A 164 -7.74 -9.00 17.08
N VAL A 165 -8.55 -9.81 17.75
CA VAL A 165 -9.85 -10.25 17.26
C VAL A 165 -10.91 -9.55 18.09
N LYS A 166 -11.89 -8.99 17.41
CA LYS A 166 -13.07 -8.48 18.08
C LYS A 166 -14.29 -9.32 17.74
N VAL A 167 -15.08 -9.68 18.76
CA VAL A 167 -16.34 -10.37 18.55
C VAL A 167 -17.48 -9.40 18.89
N TRP A 168 -18.42 -9.30 17.96
CA TRP A 168 -19.47 -8.29 17.98
C TRP A 168 -20.82 -8.95 17.94
N SER A 169 -21.84 -8.21 18.40
CA SER A 169 -23.23 -8.60 18.23
C SER A 169 -23.92 -7.63 17.28
N LEU A 170 -24.71 -8.16 16.36
CA LEU A 170 -25.51 -7.30 15.51
C LEU A 170 -26.41 -6.44 16.40
N GLY A 171 -26.46 -5.15 16.08
CA GLY A 171 -27.26 -4.21 16.87
C GLY A 171 -26.54 -3.57 18.05
N GLN A 172 -25.30 -3.92 18.30
CA GLN A 172 -24.50 -3.35 19.38
C GLN A 172 -23.25 -2.69 18.82
N SER A 173 -22.88 -1.55 19.39
CA SER A 173 -21.84 -0.70 18.80
C SER A 173 -20.41 -1.02 19.25
N THR A 174 -20.24 -1.81 20.29
CA THR A 174 -18.90 -2.16 20.77
C THR A 174 -18.77 -3.67 20.86
N PRO A 175 -17.52 -4.17 20.84
CA PRO A 175 -17.34 -5.61 20.90
C PRO A 175 -17.88 -6.21 22.18
N ASN A 176 -18.38 -7.42 22.07
CA ASN A 176 -18.66 -8.23 23.23
C ASN A 176 -17.34 -8.48 23.97
N PHE A 177 -16.27 -8.72 23.22
CA PHE A 177 -14.94 -8.79 23.79
C PHE A 177 -13.90 -8.61 22.73
N THR A 178 -12.71 -8.23 23.16
CA THR A 178 -11.53 -8.11 22.31
C THR A 178 -10.52 -9.13 22.80
N LEU A 179 -10.03 -9.97 21.89
CA LEU A 179 -8.95 -10.90 22.19
C LEU A 179 -7.63 -10.27 21.81
N THR A 180 -6.73 -10.17 22.78
CA THR A 180 -5.40 -9.72 22.53
C THR A 180 -4.58 -10.97 22.21
N THR A 181 -4.26 -11.16 20.94
CA THR A 181 -3.73 -12.44 20.49
C THR A 181 -2.27 -12.73 20.85
N GLY A 182 -1.51 -11.69 21.10
CA GLY A 182 -0.06 -11.82 21.21
C GLY A 182 0.59 -12.12 19.88
N GLN A 183 -0.16 -12.02 18.78
CA GLN A 183 0.41 -12.22 17.44
C GLN A 183 0.82 -10.84 16.92
N GLU A 184 2.07 -10.49 17.18
CA GLU A 184 2.48 -9.10 17.13
C GLU A 184 2.60 -8.51 15.75
N ARG A 185 2.62 -9.35 14.71
CA ARG A 185 2.52 -8.84 13.35
C ARG A 185 1.09 -8.77 12.83
N GLY A 186 0.12 -8.98 13.71
CA GLY A 186 -1.26 -8.82 13.34
C GLY A 186 -1.97 -10.13 13.06
N VAL A 187 -3.29 -10.07 12.93
CA VAL A 187 -4.12 -11.20 12.58
C VAL A 187 -4.60 -11.07 11.13
N ASN A 188 -4.29 -12.08 10.33
CA ASN A 188 -4.71 -12.13 8.92
C ASN A 188 -6.04 -12.82 8.72
N TYR A 189 -6.43 -13.66 9.69
CA TYR A 189 -7.54 -14.57 9.48
C TYR A 189 -8.09 -15.00 10.81
N VAL A 190 -9.41 -15.19 10.85
CA VAL A 190 -10.08 -15.74 12.02
C VAL A 190 -11.19 -16.63 11.54
N ASP A 191 -11.38 -17.74 12.24
CA ASP A 191 -12.46 -18.63 11.88
C ASP A 191 -12.97 -19.34 13.13
N TYR A 192 -14.19 -19.87 13.04
CA TYR A 192 -14.82 -20.58 14.14
C TYR A 192 -14.81 -22.07 13.93
N TYR A 193 -14.65 -22.81 15.02
CA TYR A 193 -14.94 -24.24 15.02
C TYR A 193 -16.45 -24.39 14.83
N PRO A 194 -16.90 -25.26 13.91
CA PRO A 194 -18.32 -25.23 13.56
C PRO A 194 -19.30 -26.01 14.43
N LEU A 195 -18.80 -26.89 15.28
CA LEU A 195 -19.67 -27.80 16.03
C LEU A 195 -19.91 -27.30 17.45
N PRO A 196 -21.04 -27.70 18.04
CA PRO A 196 -21.39 -27.24 19.38
C PRO A 196 -20.48 -27.72 20.51
N ASP A 197 -19.64 -28.74 20.30
CA ASP A 197 -18.89 -29.25 21.45
C ASP A 197 -17.71 -28.38 21.91
N LYS A 198 -17.18 -27.49 21.05
CA LYS A 198 -16.06 -26.65 21.47
C LYS A 198 -16.33 -25.20 21.12
N PRO A 199 -16.07 -24.28 22.07
CA PRO A 199 -16.24 -22.84 21.81
C PRO A 199 -14.96 -22.26 21.29
N TYR A 200 -14.53 -22.74 20.11
CA TYR A 200 -13.20 -22.39 19.63
C TYR A 200 -13.21 -21.43 18.45
N MET A 201 -12.15 -20.63 18.41
CA MET A 201 -11.81 -19.81 17.26
C MET A 201 -10.36 -20.05 16.94
N ILE A 202 -9.92 -19.63 15.76
CA ILE A 202 -8.55 -19.85 15.34
C ILE A 202 -8.07 -18.64 14.55
N THR A 203 -6.83 -18.24 14.80
CA THR A 203 -6.23 -17.07 14.16
C THR A 203 -4.89 -17.39 13.52
N ALA A 204 -4.60 -16.71 12.40
CA ALA A 204 -3.35 -16.90 11.66
C ALA A 204 -2.64 -15.56 11.51
N SER A 205 -1.32 -15.55 11.54
CA SER A 205 -0.54 -14.31 11.56
C SER A 205 0.72 -14.34 10.74
N ASP A 206 1.16 -13.15 10.30
CA ASP A 206 2.47 -12.97 9.70
C ASP A 206 3.59 -13.34 10.67
N ASP A 207 3.30 -13.48 11.97
CA ASP A 207 4.36 -13.88 12.91
C ASP A 207 4.66 -15.38 12.91
N LEU A 208 4.10 -16.08 11.92
CA LEU A 208 4.38 -17.50 11.62
C LEU A 208 3.58 -18.44 12.49
N THR A 209 2.69 -17.89 13.33
CA THR A 209 1.89 -18.73 14.20
C THR A 209 0.42 -18.80 13.85
N ILE A 210 -0.18 -19.86 14.35
CA ILE A 210 -1.61 -20.09 14.35
C ILE A 210 -1.97 -20.33 15.81
N LYS A 211 -3.06 -19.73 16.27
CA LYS A 211 -3.48 -19.89 17.67
C LYS A 211 -4.95 -20.29 17.75
N ILE A 212 -5.24 -21.21 18.69
CA ILE A 212 -6.59 -21.65 18.96
C ILE A 212 -7.05 -21.02 20.27
N TRP A 213 -8.30 -20.58 20.28
CA TRP A 213 -8.86 -19.80 21.39
C TRP A 213 -10.16 -20.39 21.87
N ASP A 214 -10.32 -20.40 23.19
CA ASP A 214 -11.60 -20.69 23.85
C ASP A 214 -12.29 -19.34 24.05
N TYR A 215 -13.42 -19.13 23.38
CA TYR A 215 -14.05 -17.81 23.44
C TYR A 215 -14.86 -17.57 24.70
N GLN A 216 -15.03 -18.60 25.51
CA GLN A 216 -15.69 -18.42 26.80
C GLN A 216 -14.67 -17.96 27.86
N THR A 217 -13.52 -18.64 27.94
CA THR A 217 -12.48 -18.25 28.89
C THR A 217 -11.49 -17.21 28.37
N LYS A 218 -11.44 -17.05 27.04
CA LYS A 218 -10.47 -16.20 26.35
C LYS A 218 -9.03 -16.75 26.36
N SER A 219 -8.85 -18.00 26.78
CA SER A 219 -7.53 -18.59 26.84
C SER A 219 -7.07 -19.05 25.48
N CYS A 220 -5.77 -18.98 25.27
CA CYS A 220 -5.12 -19.62 24.13
C CYS A 220 -4.93 -21.09 24.46
N VAL A 221 -5.61 -21.93 23.71
CA VAL A 221 -5.57 -23.38 23.88
C VAL A 221 -4.31 -24.00 23.31
N ALA A 222 -3.80 -23.46 22.21
CA ALA A 222 -2.66 -24.06 21.52
C ALA A 222 -2.08 -23.05 20.54
N THR A 223 -0.78 -23.16 20.32
CA THR A 223 -0.07 -22.42 19.29
C THR A 223 0.55 -23.41 18.32
N LEU A 224 0.27 -23.24 17.04
CA LEU A 224 0.73 -24.16 16.01
C LEU A 224 1.86 -23.48 15.26
N GLU A 225 3.05 -24.06 15.37
CA GLU A 225 4.26 -23.51 14.78
C GLU A 225 4.79 -24.47 13.75
N GLY A 226 5.30 -23.95 12.66
CA GLY A 226 5.89 -24.79 11.64
C GLY A 226 5.98 -24.11 10.30
N HIS A 227 5.09 -23.18 10.01
CA HIS A 227 5.17 -22.47 8.76
C HIS A 227 6.42 -21.59 8.72
N MET A 228 6.92 -21.37 7.50
CA MET A 228 8.22 -20.72 7.31
C MET A 228 8.12 -19.29 6.76
N SER A 229 6.90 -18.84 6.53
CA SER A 229 6.63 -17.46 6.20
C SER A 229 5.17 -17.16 6.62
N ASN A 230 4.72 -15.95 6.30
CA ASN A 230 3.41 -15.46 6.74
C ASN A 230 2.33 -16.52 6.60
N VAL A 231 1.50 -16.68 7.63
CA VAL A 231 0.38 -17.60 7.58
C VAL A 231 -0.86 -16.85 7.11
N SER A 232 -1.36 -17.22 5.93
CA SER A 232 -2.48 -16.52 5.32
C SER A 232 -3.83 -16.88 5.94
N PHE A 233 -3.99 -18.11 6.39
CA PHE A 233 -5.27 -18.56 6.93
C PHE A 233 -5.08 -19.83 7.72
N ALA A 234 -6.05 -20.12 8.57
CA ALA A 234 -6.17 -21.41 9.23
C ALA A 234 -7.63 -21.62 9.55
N VAL A 235 -8.11 -22.83 9.29
CA VAL A 235 -9.53 -23.17 9.50
C VAL A 235 -9.68 -24.56 10.10
N PHE A 236 -10.77 -24.74 10.83
CA PHE A 236 -11.23 -26.05 11.21
C PHE A 236 -11.98 -26.69 10.05
N HIS A 237 -11.70 -27.95 9.77
CA HIS A 237 -12.48 -28.67 8.77
C HIS A 237 -13.87 -28.98 9.34
N PRO A 238 -14.92 -28.88 8.51
CA PRO A 238 -16.27 -29.07 9.11
C PRO A 238 -16.61 -30.51 9.54
N THR A 239 -15.97 -31.51 8.96
CA THR A 239 -16.31 -32.90 9.26
C THR A 239 -15.17 -33.84 9.69
N LEU A 240 -13.91 -33.43 9.50
CA LEU A 240 -12.74 -34.20 9.88
C LEU A 240 -12.02 -33.49 11.02
N PRO A 241 -11.37 -34.24 11.91
CA PRO A 241 -10.70 -33.70 13.10
C PRO A 241 -9.34 -33.14 12.77
N ILE A 242 -9.36 -32.13 11.89
CA ILE A 242 -8.15 -31.49 11.42
C ILE A 242 -8.33 -29.98 11.29
N ILE A 243 -7.19 -29.31 11.25
CA ILE A 243 -7.10 -27.89 10.95
C ILE A 243 -6.27 -27.81 9.69
N ILE A 244 -6.62 -26.88 8.81
CA ILE A 244 -5.90 -26.68 7.56
C ILE A 244 -5.41 -25.24 7.52
N SER A 245 -4.11 -25.05 7.25
CA SER A 245 -3.55 -23.71 7.14
C SER A 245 -2.81 -23.59 5.82
N GLY A 246 -2.55 -22.35 5.44
CA GLY A 246 -1.83 -22.08 4.21
C GLY A 246 -0.98 -20.84 4.41
N SER A 247 0.11 -20.74 3.66
CA SER A 247 1.14 -19.76 3.94
C SER A 247 1.83 -19.25 2.68
N GLU A 248 2.47 -18.09 2.83
CA GLU A 248 3.36 -17.57 1.80
C GLU A 248 4.61 -18.43 1.64
N ASP A 249 4.79 -19.42 2.51
CA ASP A 249 5.82 -20.43 2.31
C ASP A 249 5.49 -21.43 1.21
N GLY A 250 4.29 -21.33 0.63
CA GLY A 250 3.89 -22.18 -0.47
C GLY A 250 3.23 -23.48 -0.08
N THR A 251 3.06 -23.71 1.22
CA THR A 251 2.48 -24.95 1.70
C THR A 251 1.06 -24.81 2.24
N LEU A 252 0.34 -25.92 2.18
CA LEU A 252 -0.78 -26.18 3.05
C LEU A 252 -0.27 -27.13 4.15
N LYS A 253 -0.68 -26.90 5.38
CA LYS A 253 -0.43 -27.82 6.47
C LYS A 253 -1.73 -28.32 7.04
N ILE A 254 -1.75 -29.61 7.32
CA ILE A 254 -2.88 -30.26 7.92
C ILE A 254 -2.45 -30.70 9.30
N TRP A 255 -3.16 -30.21 10.30
CA TRP A 255 -2.82 -30.44 11.69
C TRP A 255 -3.93 -31.26 12.36
N ASN A 256 -3.51 -32.15 13.25
CA ASN A 256 -4.42 -32.94 14.06
C ASN A 256 -5.11 -32.00 15.06
N SER A 257 -6.44 -31.97 15.08
CA SER A 257 -7.15 -31.02 15.94
C SER A 257 -7.28 -31.48 17.39
N SER A 258 -6.81 -32.70 17.67
CA SER A 258 -6.76 -33.21 19.03
C SER A 258 -5.39 -32.98 19.67
N THR A 259 -4.31 -33.28 18.93
CA THR A 259 -2.95 -33.14 19.46
C THR A 259 -2.27 -31.82 19.10
N TYR A 260 -2.83 -31.14 18.09
CA TYR A 260 -2.28 -29.89 17.57
C TYR A 260 -0.89 -30.05 16.93
N LYS A 261 -0.56 -31.28 16.55
CA LYS A 261 0.68 -31.55 15.83
C LYS A 261 0.43 -31.61 14.31
N VAL A 262 1.42 -31.19 13.55
CA VAL A 262 1.29 -31.29 12.10
C VAL A 262 1.24 -32.76 11.66
N GLU A 263 0.31 -33.06 10.75
CA GLU A 263 0.19 -34.41 10.17
C GLU A 263 0.75 -34.49 8.75
N LYS A 264 0.56 -33.45 7.96
CA LYS A 264 1.00 -33.44 6.58
C LYS A 264 1.25 -32.03 6.10
N THR A 265 2.34 -31.87 5.35
CA THR A 265 2.68 -30.63 4.68
C THR A 265 2.62 -30.88 3.17
N LEU A 266 1.86 -30.06 2.46
CA LEU A 266 1.67 -30.25 1.02
C LEU A 266 2.22 -29.05 0.27
N ASN A 267 3.13 -29.29 -0.66
CA ASN A 267 3.60 -28.22 -1.53
C ASN A 267 2.92 -28.44 -2.88
N VAL A 268 1.83 -27.70 -3.18
CA VAL A 268 1.08 -28.01 -4.40
C VAL A 268 1.69 -27.36 -5.64
N GLY A 269 2.74 -26.56 -5.45
CA GLY A 269 3.55 -26.07 -6.56
C GLY A 269 2.95 -24.89 -7.28
N LEU A 270 2.16 -24.09 -6.57
CA LEU A 270 1.53 -22.90 -7.16
C LEU A 270 2.01 -21.60 -6.46
N GLU A 271 3.16 -21.68 -5.83
CA GLU A 271 3.78 -20.56 -5.09
C GLU A 271 2.91 -20.18 -3.88
N ARG A 272 2.81 -18.90 -3.54
CA ARG A 272 2.22 -18.54 -2.24
C ARG A 272 0.73 -18.87 -2.13
N SER A 273 0.29 -19.34 -0.96
CA SER A 273 -1.12 -19.64 -0.70
C SER A 273 -1.75 -18.42 -0.01
N TRP A 274 -2.94 -18.02 -0.47
CA TRP A 274 -3.61 -16.81 0.03
C TRP A 274 -4.98 -17.06 0.66
N CYS A 275 -5.70 -18.08 0.20
CA CYS A 275 -7.09 -18.25 0.60
C CYS A 275 -7.56 -19.68 0.63
N ILE A 276 -8.64 -19.90 1.36
CA ILE A 276 -9.14 -21.23 1.67
C ILE A 276 -10.66 -21.27 1.63
N ALA A 277 -11.18 -22.45 1.30
CA ALA A 277 -12.59 -22.76 1.46
C ALA A 277 -12.73 -24.22 1.81
N THR A 278 -13.75 -24.51 2.59
CA THR A 278 -14.12 -25.89 2.86
C THR A 278 -15.57 -26.07 2.44
N HIS A 279 -15.88 -27.26 1.93
CA HIS A 279 -17.23 -27.49 1.47
C HIS A 279 -18.14 -27.50 2.68
N PRO A 280 -19.21 -26.70 2.65
CA PRO A 280 -19.93 -26.41 3.91
C PRO A 280 -20.60 -27.60 4.57
N THR A 281 -21.00 -28.60 3.79
CA THR A 281 -21.56 -29.82 4.39
C THR A 281 -20.62 -31.02 4.32
N GLY A 282 -19.34 -30.78 4.04
CA GLY A 282 -18.33 -31.82 4.03
C GLY A 282 -18.39 -32.84 2.91
N ARG A 283 -19.02 -32.48 1.78
CA ARG A 283 -19.08 -33.35 0.62
C ARG A 283 -17.67 -33.73 0.18
N LYS A 284 -17.39 -35.03 0.14
CA LYS A 284 -16.09 -35.60 -0.18
C LYS A 284 -14.95 -34.96 0.64
N ASN A 285 -15.33 -34.37 1.77
CA ASN A 285 -14.43 -33.61 2.64
C ASN A 285 -13.66 -32.53 1.90
N TYR A 286 -14.22 -32.05 0.80
CA TYR A 286 -13.52 -31.17 -0.13
C TYR A 286 -12.98 -29.92 0.52
N ILE A 287 -11.77 -29.54 0.14
CA ILE A 287 -11.22 -28.24 0.48
C ILE A 287 -10.64 -27.64 -0.79
N ALA A 288 -10.46 -26.32 -0.80
CA ALA A 288 -9.88 -25.65 -1.96
C ALA A 288 -9.05 -24.48 -1.46
N SER A 289 -7.92 -24.24 -2.13
CA SER A 289 -7.08 -23.10 -1.79
C SER A 289 -6.67 -22.37 -3.06
N GLY A 290 -6.50 -21.06 -2.93
CA GLY A 290 -6.01 -20.19 -3.98
C GLY A 290 -4.62 -19.69 -3.71
N PHE A 291 -3.83 -19.59 -4.78
CA PHE A 291 -2.42 -19.33 -4.74
C PHE A 291 -2.01 -18.27 -5.77
N ASP A 292 -0.75 -17.84 -5.68
CA ASP A 292 -0.17 -16.99 -6.71
C ASP A 292 -0.49 -17.47 -8.12
N ASN A 293 -0.39 -18.79 -8.35
CA ASN A 293 -0.40 -19.31 -9.71
C ASN A 293 -1.63 -20.13 -10.09
N GLY A 294 -2.65 -20.13 -9.23
CA GLY A 294 -3.90 -20.80 -9.54
C GLY A 294 -4.55 -21.34 -8.30
N PHE A 295 -5.37 -22.38 -8.47
CA PHE A 295 -6.09 -22.98 -7.34
C PHE A 295 -6.06 -24.48 -7.43
N THR A 296 -6.40 -25.10 -6.31
CA THR A 296 -6.55 -26.56 -6.25
C THR A 296 -7.74 -26.93 -5.38
N VAL A 297 -8.46 -27.97 -5.81
CA VAL A 297 -9.55 -28.57 -5.05
C VAL A 297 -9.08 -29.97 -4.70
N LEU A 298 -9.08 -30.27 -3.40
CA LEU A 298 -8.61 -31.56 -2.90
C LEU A 298 -9.72 -32.27 -2.17
N SER A 299 -9.76 -33.60 -2.31
CA SER A 299 -10.61 -34.41 -1.47
C SER A 299 -9.76 -35.13 -0.43
N LEU A 300 -10.38 -35.31 0.74
CA LEU A 300 -9.82 -36.14 1.81
C LEU A 300 -10.73 -37.33 2.10
N GLY A 301 -10.14 -38.53 2.19
CA GLY A 301 -10.89 -39.69 2.63
C GLY A 301 -11.70 -40.32 1.53
N LYS B 2 14.46 -9.39 -3.74
CA LYS B 2 15.82 -9.06 -4.19
C LYS B 2 15.79 -7.99 -5.29
N LEU B 3 16.80 -7.14 -5.31
CA LEU B 3 16.90 -6.14 -6.36
C LEU B 3 17.08 -6.80 -7.71
N ASP B 4 16.36 -6.30 -8.70
CA ASP B 4 16.51 -6.71 -10.08
C ASP B 4 16.24 -5.45 -10.91
N ILE B 5 17.27 -4.64 -11.08
CA ILE B 5 17.11 -3.27 -11.58
C ILE B 5 17.04 -3.27 -13.12
N LYS B 6 15.98 -2.68 -13.64
CA LYS B 6 15.78 -2.64 -15.08
C LYS B 6 15.52 -1.21 -15.52
N LYS B 7 16.11 -0.81 -16.64
CA LYS B 7 15.86 0.51 -17.22
C LYS B 7 14.58 0.49 -18.00
N THR B 8 13.55 1.14 -17.47
CA THR B 8 12.25 1.19 -18.10
C THR B 8 12.25 2.18 -19.27
N PHE B 9 12.81 3.36 -19.03
CA PHE B 9 12.78 4.42 -20.03
C PHE B 9 13.78 5.49 -19.63
N SER B 10 14.58 5.93 -20.58
CA SER B 10 15.44 7.08 -20.40
C SER B 10 15.41 7.93 -21.69
N ASN B 11 15.52 9.24 -21.55
CA ASN B 11 15.69 10.12 -22.70
C ASN B 11 16.63 11.25 -22.30
N ARG B 12 17.32 11.82 -23.27
CA ARG B 12 18.22 12.92 -22.99
C ARG B 12 17.52 14.25 -23.16
N SER B 13 18.02 15.22 -22.40
CA SER B 13 17.46 16.57 -22.40
C SER B 13 18.48 17.49 -21.76
N ASP B 14 18.13 18.77 -21.66
CA ASP B 14 18.87 19.70 -20.84
C ASP B 14 18.71 19.29 -19.36
N ARG B 15 19.52 19.91 -18.51
CA ARG B 15 19.61 19.54 -17.10
C ARG B 15 18.23 19.49 -16.43
N VAL B 16 17.96 18.36 -15.80
CA VAL B 16 16.68 18.12 -15.16
C VAL B 16 16.82 18.46 -13.67
N LYS B 17 16.03 19.43 -13.22
CA LYS B 17 16.09 19.94 -11.86
C LYS B 17 14.97 19.44 -10.96
N GLY B 18 13.82 19.14 -11.57
CA GLY B 18 12.71 18.56 -10.84
C GLY B 18 12.10 17.37 -11.57
N ILE B 19 11.55 16.43 -10.81
CA ILE B 19 10.98 15.23 -11.38
C ILE B 19 9.90 14.69 -10.46
N ASP B 20 8.87 14.09 -11.03
CA ASP B 20 7.73 13.59 -10.26
C ASP B 20 6.98 12.52 -11.03
N PHE B 21 6.42 11.56 -10.30
CA PHE B 21 5.56 10.53 -10.89
C PHE B 21 4.08 10.87 -10.72
N HIS B 22 3.31 10.58 -11.74
CA HIS B 22 1.85 10.63 -11.62
C HIS B 22 1.38 9.37 -10.91
N PRO B 23 0.38 9.47 -10.02
CA PRO B 23 0.00 8.30 -9.21
C PRO B 23 -0.81 7.21 -9.95
N THR B 24 -1.55 7.60 -10.98
CA THR B 24 -2.40 6.64 -11.67
C THR B 24 -2.15 6.45 -13.16
N GLU B 25 -1.54 7.43 -13.82
CA GLU B 25 -1.03 7.26 -15.18
C GLU B 25 0.46 6.99 -15.12
N PRO B 26 1.01 6.20 -16.07
CA PRO B 26 2.42 5.85 -16.06
C PRO B 26 3.24 6.99 -16.68
N TRP B 27 3.21 8.12 -15.99
CA TRP B 27 3.82 9.35 -16.48
C TRP B 27 4.86 9.88 -15.51
N VAL B 28 5.90 10.50 -16.06
CA VAL B 28 6.84 11.25 -15.25
C VAL B 28 6.87 12.69 -15.77
N LEU B 29 6.95 13.65 -14.85
CA LEU B 29 7.17 15.05 -15.18
C LEU B 29 8.61 15.39 -14.95
N THR B 30 9.23 16.10 -15.90
CA THR B 30 10.55 16.62 -15.69
C THR B 30 10.51 18.14 -15.87
N THR B 31 11.29 18.84 -15.07
CA THR B 31 11.42 20.30 -15.17
C THR B 31 12.85 20.67 -15.42
N LEU B 32 13.09 21.52 -16.43
CA LEU B 32 14.44 21.69 -16.96
C LEU B 32 15.05 23.06 -16.70
N TYR B 33 16.38 23.08 -16.72
CA TYR B 33 17.14 24.29 -16.53
C TYR B 33 16.81 25.36 -17.60
N SER B 34 16.36 24.91 -18.77
CA SER B 34 16.08 25.80 -19.89
C SER B 34 14.71 26.45 -19.80
N GLY B 35 13.92 26.10 -18.78
CA GLY B 35 12.60 26.70 -18.62
C GLY B 35 11.47 25.89 -19.22
N ARG B 36 11.84 24.75 -19.78
CA ARG B 36 10.90 23.80 -20.36
C ARG B 36 10.54 22.71 -19.34
N VAL B 37 9.31 22.21 -19.45
CA VAL B 37 8.87 21.04 -18.70
C VAL B 37 8.29 20.01 -19.67
N GLU B 38 8.46 18.73 -19.33
CA GLU B 38 8.01 17.61 -20.17
C GLU B 38 7.28 16.58 -19.34
N ILE B 39 6.22 15.99 -19.91
CA ILE B 39 5.53 14.87 -19.32
C ILE B 39 5.64 13.70 -20.29
N TRP B 40 6.22 12.59 -19.81
CA TRP B 40 6.41 11.41 -20.64
C TRP B 40 5.66 10.23 -20.04
N ASN B 41 5.00 9.45 -20.90
CA ASN B 41 4.51 8.13 -20.54
C ASN B 41 5.71 7.18 -20.72
N TYR B 42 6.21 6.66 -19.62
CA TYR B 42 7.42 5.87 -19.66
C TYR B 42 7.13 4.42 -20.05
N GLU B 43 5.86 4.03 -20.09
CA GLU B 43 5.51 2.67 -20.51
C GLU B 43 5.28 2.60 -22.03
N THR B 44 4.59 3.58 -22.60
CA THR B 44 4.38 3.60 -24.04
C THR B 44 5.45 4.45 -24.75
N GLN B 45 6.25 5.17 -23.98
CA GLN B 45 7.34 5.99 -24.49
C GLN B 45 6.83 7.17 -25.33
N VAL B 46 5.81 7.85 -24.81
CA VAL B 46 5.15 8.93 -25.51
C VAL B 46 5.45 10.24 -24.78
N GLU B 47 5.80 11.31 -25.51
CA GLU B 47 5.81 12.62 -24.90
C GLU B 47 4.36 13.16 -24.87
N VAL B 48 3.76 13.13 -23.69
CA VAL B 48 2.35 13.45 -23.48
C VAL B 48 2.07 14.93 -23.70
N ARG B 49 2.92 15.78 -23.13
CA ARG B 49 2.78 17.23 -23.23
C ARG B 49 4.10 17.84 -22.84
N SER B 50 4.51 18.92 -23.51
CA SER B 50 5.63 19.73 -23.11
C SER B 50 5.25 21.20 -23.19
N ILE B 51 5.91 22.01 -22.39
CA ILE B 51 5.59 23.43 -22.29
C ILE B 51 6.88 24.20 -22.09
N GLN B 52 7.11 25.22 -22.91
CA GLN B 52 8.15 26.19 -22.62
C GLN B 52 7.56 27.20 -21.66
N VAL B 53 7.85 27.04 -20.38
CA VAL B 53 7.19 27.78 -19.32
C VAL B 53 7.75 29.18 -19.14
N THR B 54 9.06 29.30 -19.26
CA THR B 54 9.78 30.52 -18.97
C THR B 54 11.16 30.38 -19.60
N GLU B 55 11.97 31.45 -19.53
CA GLU B 55 13.35 31.36 -20.01
C GLU B 55 14.34 31.01 -18.89
N THR B 56 13.86 30.94 -17.66
CA THR B 56 14.70 30.67 -16.50
C THR B 56 14.56 29.21 -16.04
N PRO B 57 15.50 28.72 -15.20
CA PRO B 57 15.36 27.35 -14.68
C PRO B 57 14.03 27.11 -13.97
N VAL B 58 13.44 25.97 -14.24
CA VAL B 58 12.28 25.49 -13.47
C VAL B 58 12.82 24.43 -12.51
N ARG B 59 13.01 24.78 -11.24
CA ARG B 59 13.71 23.91 -10.30
C ARG B 59 12.81 22.92 -9.59
N ALA B 60 11.52 23.18 -9.60
CA ALA B 60 10.58 22.36 -8.87
C ALA B 60 9.34 22.10 -9.69
N GLY B 61 8.84 20.88 -9.63
CA GLY B 61 7.62 20.52 -10.32
C GLY B 61 6.96 19.32 -9.68
N LYS B 62 5.62 19.36 -9.58
CA LYS B 62 4.85 18.27 -9.06
C LYS B 62 3.56 18.10 -9.81
N PHE B 63 3.09 16.88 -9.89
CA PHE B 63 1.71 16.63 -10.27
C PHE B 63 0.78 16.92 -9.10
N ILE B 64 -0.39 17.48 -9.40
CA ILE B 64 -1.52 17.48 -8.48
C ILE B 64 -2.62 16.71 -9.20
N ALA B 65 -2.55 15.40 -9.08
CA ALA B 65 -3.33 14.51 -9.92
C ALA B 65 -4.83 14.73 -9.74
N ARG B 66 -5.22 15.02 -8.51
CA ARG B 66 -6.64 15.10 -8.21
C ARG B 66 -7.30 16.31 -8.85
N LYS B 67 -6.49 17.24 -9.36
CA LYS B 67 -6.96 18.41 -10.09
C LYS B 67 -6.55 18.40 -11.57
N ASN B 68 -5.87 17.35 -11.98
CA ASN B 68 -5.31 17.26 -13.33
C ASN B 68 -4.34 18.40 -13.66
N TRP B 69 -3.52 18.77 -12.68
CA TRP B 69 -2.56 19.83 -12.83
C TRP B 69 -1.12 19.35 -12.69
N ILE B 70 -0.23 20.16 -13.24
CA ILE B 70 1.13 20.25 -12.74
C ILE B 70 1.34 21.65 -12.15
N ILE B 71 2.18 21.72 -11.13
CA ILE B 71 2.59 22.98 -10.52
C ILE B 71 4.11 23.05 -10.59
N VAL B 72 4.61 24.21 -11.00
CA VAL B 72 6.04 24.37 -11.19
C VAL B 72 6.51 25.71 -10.61
N GLY B 73 7.76 25.74 -10.20
CA GLY B 73 8.39 26.92 -9.61
C GLY B 73 9.70 27.20 -10.30
N SER B 74 9.95 28.47 -10.61
CA SER B 74 11.10 28.84 -11.41
C SER B 74 11.87 30.08 -10.91
N ASP B 75 13.07 30.28 -11.47
CA ASP B 75 14.01 31.28 -10.97
C ASP B 75 13.55 32.70 -11.28
N ASP B 76 12.47 32.84 -12.06
CA ASP B 76 11.85 34.14 -12.28
C ASP B 76 10.87 34.48 -11.17
N PHE B 77 10.92 33.67 -10.09
CA PHE B 77 10.19 33.93 -8.83
C PHE B 77 8.73 33.43 -8.83
N ARG B 78 8.31 32.78 -9.92
CA ARG B 78 6.91 32.50 -10.11
C ARG B 78 6.53 31.06 -9.87
N ILE B 79 5.34 30.87 -9.32
CA ILE B 79 4.66 29.60 -9.34
C ILE B 79 3.64 29.63 -10.47
N ARG B 80 3.63 28.59 -11.29
CA ARG B 80 2.66 28.46 -12.37
C ARG B 80 2.02 27.09 -12.28
N VAL B 81 0.75 27.04 -12.64
CA VAL B 81 -0.03 25.81 -12.62
C VAL B 81 -0.66 25.63 -13.99
N PHE B 82 -0.53 24.44 -14.55
CA PHE B 82 -1.15 24.10 -15.84
C PHE B 82 -2.02 22.86 -15.72
N ASN B 83 -3.12 22.86 -16.46
CA ASN B 83 -3.91 21.66 -16.62
C ASN B 83 -3.23 20.82 -17.70
N TYR B 84 -2.87 19.59 -17.36
CA TYR B 84 -2.10 18.78 -18.29
C TYR B 84 -2.96 18.13 -19.37
N ASN B 85 -4.28 18.15 -19.22
CA ASN B 85 -5.16 17.69 -20.31
C ASN B 85 -5.42 18.72 -21.40
N THR B 86 -5.45 19.99 -21.02
CA THR B 86 -5.73 21.07 -21.98
C THR B 86 -4.54 21.96 -22.27
N GLY B 87 -3.57 21.96 -21.35
CA GLY B 87 -2.46 22.89 -21.44
C GLY B 87 -2.79 24.27 -20.88
N GLU B 88 -4.00 24.49 -20.40
CA GLU B 88 -4.40 25.81 -19.91
C GLU B 88 -3.50 26.22 -18.72
N LYS B 89 -3.03 27.46 -18.72
CA LYS B 89 -2.34 28.01 -17.55
C LYS B 89 -3.40 28.50 -16.56
N VAL B 90 -3.49 27.83 -15.41
CA VAL B 90 -4.53 28.01 -14.39
C VAL B 90 -4.23 29.21 -13.50
N VAL B 91 -2.96 29.38 -13.16
CA VAL B 91 -2.53 30.50 -12.34
C VAL B 91 -1.04 30.75 -12.59
N ASP B 92 -0.61 31.97 -12.32
CA ASP B 92 0.75 32.39 -12.55
C ASP B 92 0.99 33.59 -11.64
N PHE B 93 1.80 33.41 -10.61
CA PHE B 93 2.01 34.48 -9.64
C PHE B 93 3.44 34.49 -9.10
N GLU B 94 3.90 35.67 -8.70
CA GLU B 94 5.19 35.79 -8.04
C GLU B 94 5.01 35.30 -6.60
N ALA B 95 5.73 34.26 -6.25
CA ALA B 95 5.55 33.60 -4.94
C ALA B 95 6.61 34.04 -3.92
N HIS B 96 7.82 34.35 -4.40
CA HIS B 96 8.93 34.73 -3.54
C HIS B 96 9.79 35.72 -4.31
N PRO B 97 10.56 36.56 -3.62
CA PRO B 97 11.45 37.48 -4.36
C PRO B 97 12.84 36.87 -4.64
N ASP B 98 12.89 35.55 -4.79
CA ASP B 98 14.13 34.86 -5.05
C ASP B 98 13.77 33.46 -5.56
N TYR B 99 14.79 32.65 -5.82
CA TYR B 99 14.58 31.35 -6.45
C TYR B 99 13.68 30.46 -5.61
N ILE B 100 12.90 29.62 -6.29
CA ILE B 100 12.07 28.61 -5.67
C ILE B 100 12.79 27.28 -5.81
N ARG B 101 13.08 26.63 -4.69
CA ARG B 101 13.86 25.40 -4.70
C ARG B 101 13.02 24.13 -4.67
N SER B 102 11.83 24.19 -4.06
CA SER B 102 11.10 23.00 -3.72
C SER B 102 9.62 23.29 -3.53
N ILE B 103 8.79 22.37 -4.01
CA ILE B 103 7.34 22.44 -3.84
C ILE B 103 6.83 21.11 -3.32
N ALA B 104 5.97 21.16 -2.31
CA ALA B 104 5.34 19.97 -1.77
C ALA B 104 3.84 20.18 -1.76
N VAL B 105 3.10 19.09 -1.97
CA VAL B 105 1.66 19.13 -2.07
C VAL B 105 1.04 18.29 -0.97
N HIS B 106 0.07 18.84 -0.25
CA HIS B 106 -0.55 18.14 0.85
C HIS B 106 -1.37 17.00 0.27
N PRO B 107 -1.40 15.86 0.95
CA PRO B 107 -2.11 14.72 0.37
C PRO B 107 -3.63 14.83 0.29
N THR B 108 -4.25 15.62 1.16
CA THR B 108 -5.71 15.73 1.18
C THR B 108 -6.30 17.14 1.12
N LYS B 109 -5.60 18.12 1.67
CA LYS B 109 -6.04 19.51 1.70
C LYS B 109 -5.45 20.23 0.51
N PRO B 110 -6.06 21.35 0.10
CA PRO B 110 -5.66 22.10 -1.10
C PRO B 110 -4.49 23.03 -0.81
N TYR B 111 -3.43 22.46 -0.26
CA TYR B 111 -2.28 23.19 0.22
C TYR B 111 -1.03 22.82 -0.56
N VAL B 112 -0.26 23.84 -0.92
CA VAL B 112 1.08 23.67 -1.48
C VAL B 112 2.07 24.46 -0.63
N LEU B 113 3.23 23.86 -0.38
CA LEU B 113 4.35 24.56 0.24
C LEU B 113 5.40 24.86 -0.78
N SER B 114 5.98 26.06 -0.71
CA SER B 114 7.13 26.40 -1.53
C SER B 114 8.29 26.85 -0.63
N GLY B 115 9.48 26.31 -0.89
CA GLY B 115 10.67 26.71 -0.18
C GLY B 115 11.57 27.51 -1.10
N SER B 116 12.20 28.57 -0.58
CA SER B 116 12.88 29.55 -1.40
C SER B 116 14.23 30.01 -0.85
N ASP B 117 15.04 30.56 -1.76
CA ASP B 117 16.28 31.23 -1.39
C ASP B 117 16.00 32.50 -0.57
N ASP B 118 14.76 32.94 -0.49
CA ASP B 118 14.40 34.10 0.34
C ASP B 118 14.32 33.77 1.84
N LEU B 119 14.77 32.56 2.20
CA LEU B 119 14.86 32.06 3.60
C LEU B 119 13.52 31.57 4.18
N THR B 120 12.47 31.48 3.37
CA THR B 120 11.16 31.10 3.87
C THR B 120 10.54 29.89 3.22
N VAL B 121 9.53 29.35 3.89
CA VAL B 121 8.55 28.47 3.28
C VAL B 121 7.22 29.22 3.29
N LYS B 122 6.45 29.06 2.21
CA LYS B 122 5.12 29.64 2.14
C LYS B 122 4.08 28.58 1.85
N LEU B 123 2.91 28.76 2.45
CA LEU B 123 1.77 27.90 2.29
C LEU B 123 0.69 28.63 1.48
N TRP B 124 0.27 27.98 0.39
CA TRP B 124 -0.74 28.51 -0.52
C TRP B 124 -1.96 27.61 -0.55
N ASN B 125 -3.15 28.22 -0.57
CA ASN B 125 -4.39 27.47 -0.56
C ASN B 125 -5.12 27.62 -1.90
N TRP B 126 -5.12 26.58 -2.73
CA TRP B 126 -5.68 26.72 -4.06
C TRP B 126 -7.21 26.78 -4.10
N GLU B 127 -7.85 26.46 -2.98
CA GLU B 127 -9.31 26.54 -2.89
C GLU B 127 -9.74 27.91 -2.33
N ASN B 128 -8.76 28.75 -1.99
CA ASN B 128 -9.01 30.12 -1.54
C ASN B 128 -8.24 31.09 -2.45
N ASN B 129 -8.38 30.87 -3.75
CA ASN B 129 -7.75 31.71 -4.78
C ASN B 129 -6.21 31.80 -4.65
N TRP B 130 -5.58 30.69 -4.31
CA TRP B 130 -4.14 30.65 -4.12
C TRP B 130 -3.65 31.69 -3.12
N ALA B 131 -4.47 31.97 -2.12
CA ALA B 131 -4.06 32.84 -1.04
C ALA B 131 -2.81 32.35 -0.32
N LEU B 132 -1.95 33.29 0.05
CA LEU B 132 -0.84 33.06 0.96
C LEU B 132 -1.41 32.94 2.36
N GLU B 133 -1.48 31.71 2.87
CA GLU B 133 -2.12 31.49 4.16
C GLU B 133 -1.13 31.59 5.30
N GLN B 134 0.13 31.30 5.05
CA GLN B 134 1.13 31.38 6.10
C GLN B 134 2.54 31.49 5.50
N THR B 135 3.43 32.23 6.16
CA THR B 135 4.86 32.28 5.83
C THR B 135 5.61 31.77 7.06
N PHE B 136 6.51 30.81 6.83
CA PHE B 136 7.28 30.19 7.89
C PHE B 136 8.67 30.78 7.88
N GLU B 137 8.97 31.62 8.86
CA GLU B 137 10.24 32.33 8.91
C GLU B 137 11.14 31.79 10.03
N GLY B 138 12.44 31.86 9.82
CA GLY B 138 13.38 31.46 10.85
C GLY B 138 14.67 30.85 10.33
N HIS B 139 14.61 30.21 9.15
CA HIS B 139 15.84 29.74 8.53
C HIS B 139 16.74 30.91 8.17
N GLU B 140 18.03 30.62 8.02
CA GLU B 140 19.04 31.65 7.81
C GLU B 140 19.85 31.49 6.54
N HIS B 141 19.42 30.58 5.65
CA HIS B 141 20.05 30.43 4.35
C HIS B 141 18.96 29.80 3.44
N PHE B 142 19.32 29.40 2.23
CA PHE B 142 18.33 29.00 1.24
C PHE B 142 17.59 27.77 1.75
N VAL B 143 16.27 27.77 1.62
CA VAL B 143 15.47 26.59 1.96
C VAL B 143 15.44 25.69 0.74
N MET B 144 16.10 24.54 0.81
CA MET B 144 16.37 23.67 -0.34
C MET B 144 15.31 22.61 -0.59
N CYS B 145 14.55 22.26 0.44
CA CYS B 145 13.65 21.14 0.33
C CYS B 145 12.57 21.23 1.38
N VAL B 146 11.33 20.98 0.99
CA VAL B 146 10.20 20.89 1.90
C VAL B 146 9.46 19.58 1.69
N ALA B 147 9.00 18.97 2.78
CA ALA B 147 8.35 17.68 2.70
C ALA B 147 7.33 17.52 3.83
N PHE B 148 6.11 17.13 3.51
CA PHE B 148 5.12 16.83 4.55
C PHE B 148 5.46 15.50 5.19
N ASN B 149 5.15 15.36 6.48
CA ASN B 149 5.22 14.04 7.10
C ASN B 149 4.02 13.22 6.64
N PRO B 150 4.27 12.13 5.90
CA PRO B 150 3.12 11.38 5.37
C PRO B 150 2.25 10.76 6.47
N LYS B 151 2.82 10.57 7.66
CA LYS B 151 2.08 10.01 8.79
C LYS B 151 1.32 11.08 9.54
N ASP B 152 1.70 12.33 9.33
CA ASP B 152 1.02 13.44 9.98
C ASP B 152 1.23 14.70 9.15
N PRO B 153 0.43 14.86 8.11
CA PRO B 153 0.70 15.97 7.19
C PRO B 153 0.19 17.32 7.69
N SER B 154 -0.20 17.41 8.96
CA SER B 154 -0.33 18.71 9.59
C SER B 154 1.04 19.24 9.95
N THR B 155 2.07 18.43 9.75
CA THR B 155 3.44 18.85 9.97
C THR B 155 4.28 18.62 8.73
N PHE B 156 5.35 19.40 8.63
CA PHE B 156 6.30 19.24 7.54
C PHE B 156 7.70 19.63 7.96
N ALA B 157 8.67 19.19 7.17
CA ALA B 157 10.06 19.49 7.41
C ALA B 157 10.62 20.37 6.30
N SER B 158 11.49 21.29 6.68
CA SER B 158 12.25 22.08 5.72
C SER B 158 13.74 21.88 5.93
N GLY B 159 14.47 21.58 4.86
CA GLY B 159 15.90 21.38 4.92
C GLY B 159 16.62 22.59 4.34
N CYS B 160 17.67 23.06 5.00
CA CYS B 160 18.22 24.37 4.67
C CYS B 160 19.74 24.42 4.66
N LEU B 161 20.32 25.30 3.86
CA LEU B 161 21.76 25.42 3.81
C LEU B 161 22.34 25.99 5.11
N ASP B 162 21.47 26.41 6.03
CA ASP B 162 21.92 26.87 7.35
C ASP B 162 22.27 25.70 8.27
N ARG B 163 22.24 24.48 7.72
CA ARG B 163 22.68 23.26 8.38
C ARG B 163 21.62 22.70 9.32
N THR B 164 20.40 23.20 9.21
CA THR B 164 19.31 22.67 9.99
C THR B 164 18.15 22.08 9.18
N VAL B 165 17.39 21.24 9.86
CA VAL B 165 16.03 20.91 9.47
C VAL B 165 15.09 21.52 10.52
N LYS B 166 14.09 22.26 10.07
CA LYS B 166 13.00 22.70 10.94
C LYS B 166 11.75 21.89 10.66
N VAL B 167 11.05 21.49 11.71
CA VAL B 167 9.78 20.82 11.61
C VAL B 167 8.72 21.73 12.16
N TRP B 168 7.67 21.91 11.37
CA TRP B 168 6.65 22.93 11.60
C TRP B 168 5.28 22.29 11.66
N SER B 169 4.35 22.98 12.32
CA SER B 169 2.95 22.61 12.27
C SER B 169 2.19 23.68 11.51
N LEU B 170 1.31 23.26 10.60
CA LEU B 170 0.39 24.20 9.95
C LEU B 170 -0.36 24.97 11.03
N GLY B 171 -0.39 26.28 10.90
CA GLY B 171 -1.13 27.08 11.86
C GLY B 171 -0.29 27.56 13.03
N GLN B 172 0.98 27.19 13.08
CA GLN B 172 1.91 27.68 14.11
C GLN B 172 3.09 28.38 13.43
N SER B 173 3.48 29.53 13.96
CA SER B 173 4.45 30.39 13.28
C SER B 173 5.91 30.07 13.57
N THR B 174 6.17 29.27 14.60
CA THR B 174 7.55 28.92 14.93
C THR B 174 7.71 27.42 14.82
N PRO B 175 8.93 26.94 14.61
CA PRO B 175 9.07 25.50 14.47
C PRO B 175 8.71 24.75 15.73
N ASN B 176 8.20 23.55 15.55
CA ASN B 176 8.06 22.62 16.68
C ASN B 176 9.44 22.32 17.26
N PHE B 177 10.41 22.15 16.38
CA PHE B 177 11.81 22.05 16.77
C PHE B 177 12.72 22.33 15.59
N THR B 178 13.98 22.62 15.91
CA THR B 178 15.05 22.77 14.94
C THR B 178 16.08 21.67 15.22
N LEU B 179 16.34 20.86 14.20
CA LEU B 179 17.36 19.83 14.26
C LEU B 179 18.65 20.37 13.64
N THR B 180 19.72 20.40 14.43
CA THR B 180 21.03 20.79 13.92
C THR B 180 21.79 19.55 13.45
N THR B 181 22.13 19.50 12.16
CA THR B 181 22.56 18.26 11.55
C THR B 181 24.04 17.94 11.64
N GLY B 182 24.87 18.94 11.90
CA GLY B 182 26.30 18.77 11.82
C GLY B 182 26.81 18.57 10.41
N GLN B 183 25.96 18.80 9.40
CA GLN B 183 26.40 18.71 8.01
C GLN B 183 26.80 20.14 7.59
N GLU B 184 28.10 20.40 7.66
CA GLU B 184 28.59 21.77 7.70
C GLU B 184 28.38 22.56 6.40
N ARG B 185 28.16 21.86 5.31
CA ARG B 185 27.90 22.53 4.02
C ARG B 185 26.40 22.69 3.79
N GLY B 186 25.60 22.33 4.78
CA GLY B 186 24.17 22.54 4.70
C GLY B 186 23.38 21.31 4.32
N VAL B 187 22.06 21.46 4.33
CA VAL B 187 21.14 20.38 3.97
C VAL B 187 20.47 20.70 2.64
N ASN B 188 20.67 19.80 1.69
CA ASN B 188 20.08 19.93 0.35
C ASN B 188 18.72 19.27 0.24
N TYR B 189 18.43 18.32 1.13
CA TYR B 189 17.26 17.47 0.97
C TYR B 189 16.87 16.87 2.29
N VAL B 190 15.57 16.67 2.47
CA VAL B 190 15.02 15.97 3.61
C VAL B 190 13.84 15.13 3.15
N ASP B 191 13.71 13.93 3.74
CA ASP B 191 12.64 13.00 3.38
C ASP B 191 12.26 12.27 4.65
N TYR B 192 11.00 11.85 4.75
CA TYR B 192 10.52 11.06 5.87
C TYR B 192 10.41 9.59 5.50
N TYR B 193 10.78 8.72 6.43
CA TYR B 193 10.46 7.31 6.33
C TYR B 193 8.94 7.18 6.43
N PRO B 194 8.31 6.40 5.55
CA PRO B 194 6.85 6.46 5.47
C PRO B 194 6.05 5.60 6.45
N LEU B 195 6.69 4.67 7.15
CA LEU B 195 5.94 3.70 7.94
C LEU B 195 5.97 4.03 9.43
N PRO B 196 4.97 3.57 10.18
CA PRO B 196 4.83 3.94 11.60
C PRO B 196 5.84 3.32 12.56
N ASP B 197 6.63 2.35 12.13
CA ASP B 197 7.52 1.69 13.08
C ASP B 197 8.74 2.51 13.49
N LYS B 198 9.14 3.51 12.71
CA LYS B 198 10.23 4.40 13.10
C LYS B 198 9.94 5.86 12.74
N PRO B 199 10.25 6.78 13.65
CA PRO B 199 10.08 8.22 13.41
C PRO B 199 11.34 8.79 12.79
N TYR B 200 11.64 8.35 11.57
CA TYR B 200 12.89 8.68 10.94
C TYR B 200 12.76 9.69 9.82
N MET B 201 13.76 10.54 9.73
CA MET B 201 13.95 11.36 8.54
C MET B 201 15.40 11.24 8.09
N ILE B 202 15.66 11.70 6.87
CA ILE B 202 16.97 11.54 6.26
C ILE B 202 17.37 12.84 5.58
N THR B 203 18.63 13.23 5.73
CA THR B 203 19.16 14.45 5.14
C THR B 203 20.39 14.18 4.28
N ALA B 204 20.54 14.96 3.20
CA ALA B 204 21.66 14.87 2.27
C ALA B 204 22.37 16.22 2.20
N SER B 205 23.69 16.19 2.04
CA SER B 205 24.54 17.38 2.14
C SER B 205 25.70 17.45 1.15
N ASP B 206 26.11 18.67 0.82
CA ASP B 206 27.35 18.90 0.09
C ASP B 206 28.59 18.43 0.84
N ASP B 207 28.44 18.06 2.10
CA ASP B 207 29.58 17.52 2.85
C ASP B 207 29.82 16.04 2.56
N LEU B 208 29.09 15.50 1.58
CA LEU B 208 29.23 14.14 1.04
C LEU B 208 28.57 13.07 1.90
N THR B 209 27.87 13.51 2.95
CA THR B 209 27.17 12.58 3.84
C THR B 209 25.66 12.58 3.71
N ILE B 210 25.11 11.46 4.16
CA ILE B 210 23.69 11.26 4.33
C ILE B 210 23.48 10.88 5.78
N LYS B 211 22.52 11.47 6.46
CA LYS B 211 22.28 11.18 7.86
C LYS B 211 20.83 10.79 8.11
N ILE B 212 20.62 9.79 8.97
CA ILE B 212 19.30 9.36 9.36
C ILE B 212 19.07 9.81 10.78
N TRP B 213 17.88 10.36 11.04
CA TRP B 213 17.53 10.99 12.31
C TRP B 213 16.27 10.41 12.89
N ASP B 214 16.23 10.31 14.22
CA ASP B 214 14.99 10.11 14.95
C ASP B 214 14.46 11.50 15.23
N TYR B 215 13.32 11.83 14.65
CA TYR B 215 12.83 13.22 14.73
C TYR B 215 12.16 13.53 16.06
N GLN B 216 11.89 12.49 16.86
CA GLN B 216 11.36 12.66 18.20
C GLN B 216 12.45 13.07 19.18
N THR B 217 13.60 12.42 19.12
CA THR B 217 14.74 12.78 19.99
C THR B 217 15.76 13.72 19.36
N LYS B 218 15.70 13.88 18.04
CA LYS B 218 16.69 14.63 17.27
C LYS B 218 18.07 13.98 17.22
N SER B 219 18.18 12.73 17.60
CA SER B 219 19.46 12.04 17.55
C SER B 219 19.75 11.44 16.18
N CYS B 220 21.01 11.43 15.80
CA CYS B 220 21.45 10.77 14.59
C CYS B 220 21.54 9.26 14.80
N VAL B 221 20.85 8.53 13.93
CA VAL B 221 20.80 7.08 13.95
C VAL B 221 21.96 6.46 13.17
N ALA B 222 22.32 7.09 12.07
CA ALA B 222 23.34 6.56 11.17
C ALA B 222 23.84 7.65 10.22
N THR B 223 25.09 7.49 9.79
CA THR B 223 25.69 8.35 8.78
C THR B 223 26.14 7.44 7.64
N LEU B 224 25.72 7.77 6.43
CA LEU B 224 26.01 6.98 5.25
C LEU B 224 27.01 7.72 4.37
N GLU B 225 28.22 7.16 4.27
CA GLU B 225 29.30 7.73 3.48
C GLU B 225 29.59 6.82 2.30
N GLY B 226 30.01 7.41 1.19
CA GLY B 226 30.37 6.66 0.01
C GLY B 226 30.37 7.51 -1.25
N HIS B 227 29.53 8.54 -1.29
CA HIS B 227 29.51 9.39 -2.48
C HIS B 227 30.81 10.19 -2.57
N MET B 228 31.14 10.62 -3.79
CA MET B 228 32.43 11.26 -4.07
C MET B 228 32.23 12.72 -4.50
N SER B 229 31.01 13.22 -4.34
CA SER B 229 30.70 14.63 -4.55
C SER B 229 29.40 14.94 -3.83
N ASN B 230 28.95 16.18 -3.93
CA ASN B 230 27.73 16.65 -3.27
C ASN B 230 26.59 15.64 -3.40
N VAL B 231 25.88 15.40 -2.30
CA VAL B 231 24.72 14.52 -2.34
C VAL B 231 23.48 15.38 -2.53
N SER B 232 22.85 15.22 -3.68
CA SER B 232 21.71 16.06 -4.06
C SER B 232 20.44 15.66 -3.33
N PHE B 233 20.27 14.37 -3.08
CA PHE B 233 19.08 13.86 -2.42
C PHE B 233 19.35 12.50 -1.80
N ALA B 234 18.48 12.15 -0.86
CA ALA B 234 18.38 10.79 -0.33
C ALA B 234 16.96 10.56 0.15
N VAL B 235 16.38 9.42 -0.22
CA VAL B 235 15.00 9.11 0.11
C VAL B 235 14.85 7.67 0.53
N PHE B 236 13.84 7.43 1.38
CA PHE B 236 13.38 6.11 1.69
C PHE B 236 12.47 5.62 0.58
N HIS B 237 12.70 4.42 0.07
CA HIS B 237 11.78 3.85 -0.91
C HIS B 237 10.44 3.52 -0.23
N PRO B 238 9.32 3.71 -0.96
CA PRO B 238 8.04 3.45 -0.26
C PRO B 238 7.71 1.98 0.03
N THR B 239 8.28 1.05 -0.73
CA THR B 239 7.94 -0.38 -0.62
C THR B 239 9.10 -1.34 -0.31
N LEU B 240 10.31 -1.02 -0.77
CA LEU B 240 11.48 -1.85 -0.55
C LEU B 240 12.28 -1.25 0.60
N PRO B 241 12.97 -2.09 1.37
CA PRO B 241 13.73 -1.66 2.55
C PRO B 241 15.07 -1.11 2.15
N ILE B 242 15.02 -0.01 1.41
CA ILE B 242 16.21 0.62 0.89
C ILE B 242 16.09 2.13 0.95
N ILE B 243 17.25 2.76 0.83
CA ILE B 243 17.37 4.20 0.66
C ILE B 243 18.02 4.42 -0.69
N ILE B 244 17.60 5.46 -1.42
CA ILE B 244 18.19 5.81 -2.69
C ILE B 244 18.76 7.21 -2.61
N SER B 245 20.01 7.36 -2.98
CA SER B 245 20.65 8.67 -3.02
C SER B 245 21.23 8.92 -4.40
N GLY B 246 21.48 10.19 -4.68
CA GLY B 246 22.09 10.59 -5.93
C GLY B 246 22.98 11.78 -5.70
N SER B 247 23.95 11.94 -6.58
CA SER B 247 25.04 12.85 -6.31
C SER B 247 25.61 13.47 -7.58
N GLU B 248 26.32 14.56 -7.39
CA GLU B 248 27.07 15.19 -8.45
C GLU B 248 28.26 14.31 -8.88
N ASP B 249 28.49 13.19 -8.18
CA ASP B 249 29.45 12.18 -8.68
C ASP B 249 28.91 11.34 -9.82
N GLY B 250 27.67 11.59 -10.23
CA GLY B 250 27.06 10.91 -11.35
C GLY B 250 26.40 9.60 -11.04
N THR B 251 26.39 9.21 -9.76
CA THR B 251 25.85 7.93 -9.37
C THR B 251 24.55 8.06 -8.60
N LEU B 252 23.75 7.00 -8.73
CA LEU B 252 22.73 6.69 -7.76
C LEU B 252 23.28 5.58 -6.87
N LYS B 253 22.99 5.65 -5.57
CA LYS B 253 23.35 4.55 -4.67
C LYS B 253 22.11 4.04 -3.99
N ILE B 254 22.05 2.72 -3.87
CA ILE B 254 20.98 2.05 -3.17
C ILE B 254 21.58 1.47 -1.91
N TRP B 255 21.04 1.85 -0.76
CA TRP B 255 21.56 1.41 0.53
C TRP B 255 20.51 0.57 1.25
N ASN B 256 20.97 -0.43 1.98
CA ASN B 256 20.08 -1.22 2.81
C ASN B 256 19.58 -0.37 3.98
N SER B 257 18.28 -0.30 4.19
CA SER B 257 17.75 0.61 5.21
C SER B 257 17.79 0.02 6.61
N SER B 258 18.25 -1.22 6.71
CA SER B 258 18.43 -1.86 8.01
C SER B 258 19.89 -1.80 8.46
N THR B 259 20.81 -2.14 7.55
CA THR B 259 22.23 -2.14 7.88
C THR B 259 22.94 -0.84 7.54
N TYR B 260 22.31 -0.04 6.69
CA TYR B 260 22.87 1.22 6.20
C TYR B 260 24.13 1.05 5.36
N LYS B 261 24.32 -0.14 4.82
CA LYS B 261 25.43 -0.41 3.92
C LYS B 261 24.99 -0.28 2.46
N VAL B 262 25.88 0.20 1.63
CA VAL B 262 25.59 0.29 0.20
C VAL B 262 25.39 -1.10 -0.41
N GLU B 263 24.33 -1.25 -1.20
CA GLU B 263 24.05 -2.48 -1.93
C GLU B 263 24.41 -2.40 -3.41
N LYS B 264 24.25 -1.22 -4.02
CA LYS B 264 24.49 -1.04 -5.45
C LYS B 264 24.82 0.41 -5.73
N THR B 265 25.76 0.61 -6.63
CA THR B 265 26.07 1.93 -7.16
C THR B 265 25.82 1.86 -8.66
N LEU B 266 25.02 2.80 -9.18
CA LEU B 266 24.67 2.86 -10.59
C LEU B 266 25.29 4.09 -11.21
N ASN B 267 26.15 3.86 -12.21
CA ASN B 267 26.73 4.92 -13.02
C ASN B 267 25.83 5.09 -14.24
N VAL B 268 24.90 6.02 -14.14
CA VAL B 268 23.82 6.18 -15.06
C VAL B 268 24.27 6.71 -16.45
N GLY B 269 25.38 7.44 -16.47
CA GLY B 269 25.93 7.91 -17.72
C GLY B 269 25.35 9.23 -18.18
N LEU B 270 24.65 9.93 -17.28
CA LEU B 270 24.02 11.21 -17.63
C LEU B 270 24.65 12.41 -16.87
N GLU B 271 25.84 12.18 -16.33
CA GLU B 271 26.59 13.13 -15.55
C GLU B 271 25.83 13.43 -14.24
N ARG B 272 25.85 14.66 -13.75
CA ARG B 272 25.44 14.92 -12.35
C ARG B 272 23.95 14.65 -12.12
N SER B 273 23.65 14.06 -10.95
CA SER B 273 22.28 13.75 -10.54
C SER B 273 21.77 14.86 -9.64
N TRP B 274 20.56 15.36 -9.93
CA TRP B 274 20.01 16.49 -9.20
C TRP B 274 18.71 16.26 -8.46
N CYS B 275 17.91 15.32 -8.93
CA CYS B 275 16.57 15.14 -8.39
C CYS B 275 16.09 13.71 -8.48
N ILE B 276 15.08 13.41 -7.67
CA ILE B 276 14.59 12.06 -7.50
C ILE B 276 13.07 12.08 -7.34
N ALA B 277 12.45 10.98 -7.75
CA ALA B 277 11.05 10.70 -7.45
C ALA B 277 10.89 9.19 -7.26
N THR B 278 9.95 8.80 -6.42
CA THR B 278 9.58 7.39 -6.29
C THR B 278 8.11 7.29 -6.57
N HIS B 279 7.70 6.22 -7.23
CA HIS B 279 6.29 6.08 -7.52
C HIS B 279 5.54 5.91 -6.21
N PRO B 280 4.50 6.72 -5.99
CA PRO B 280 3.94 6.85 -4.64
C PRO B 280 3.35 5.57 -4.03
N THR B 281 2.89 4.65 -4.85
CA THR B 281 2.37 3.37 -4.36
C THR B 281 3.21 2.15 -4.79
N GLY B 282 4.46 2.41 -5.14
CA GLY B 282 5.41 1.34 -5.42
C GLY B 282 5.19 0.57 -6.69
N ARG B 283 4.41 1.14 -7.61
CA ARG B 283 4.15 0.47 -8.88
C ARG B 283 5.47 0.08 -9.53
N LYS B 284 5.68 -1.22 -9.71
CA LYS B 284 6.90 -1.78 -10.31
C LYS B 284 8.16 -1.29 -9.59
N ASN B 285 7.96 -0.87 -8.35
CA ASN B 285 9.03 -0.28 -7.54
C ASN B 285 9.79 0.82 -8.30
N TYR B 286 9.05 1.57 -9.12
CA TYR B 286 9.65 2.58 -9.99
C TYR B 286 10.32 3.72 -9.22
N ILE B 287 11.49 4.12 -9.70
CA ILE B 287 12.12 5.36 -9.27
C ILE B 287 12.52 6.12 -10.53
N ALA B 288 12.68 7.43 -10.42
CA ALA B 288 13.17 8.23 -11.54
C ALA B 288 14.12 9.29 -11.01
N SER B 289 15.12 9.63 -11.80
CA SER B 289 16.07 10.64 -11.41
C SER B 289 16.43 11.50 -12.60
N GLY B 290 16.66 12.78 -12.32
CA GLY B 290 17.02 13.80 -13.28
C GLY B 290 18.48 14.19 -13.11
N PHE B 291 19.12 14.42 -14.25
CA PHE B 291 20.55 14.58 -14.38
C PHE B 291 20.89 15.72 -15.34
N ASP B 292 22.16 16.08 -15.39
CA ASP B 292 22.66 17.06 -16.35
C ASP B 292 22.17 16.79 -17.76
N ASN B 293 22.17 15.53 -18.19
CA ASN B 293 21.88 15.23 -19.59
C ASN B 293 20.62 14.48 -19.87
N GLY B 294 19.73 14.39 -18.89
CA GLY B 294 18.47 13.75 -19.13
C GLY B 294 17.92 13.11 -17.88
N PHE B 295 17.01 12.17 -18.08
CA PHE B 295 16.40 11.44 -16.98
C PHE B 295 16.35 9.96 -17.27
N THR B 296 16.20 9.18 -16.20
CA THR B 296 15.99 7.75 -16.32
C THR B 296 14.90 7.30 -15.34
N VAL B 297 14.11 6.32 -15.78
CA VAL B 297 13.09 5.67 -15.01
C VAL B 297 13.53 4.22 -14.88
N LEU B 298 13.67 3.76 -13.64
CA LEU B 298 14.14 2.42 -13.37
C LEU B 298 13.08 1.67 -12.57
N SER B 299 12.91 0.39 -12.88
CA SER B 299 12.15 -0.50 -12.03
C SER B 299 13.16 -1.26 -11.16
N LEU B 300 13.01 -1.20 -9.85
CA LEU B 300 14.07 -1.75 -8.98
C LEU B 300 13.93 -3.23 -8.74
N GLY B 301 12.77 -3.80 -9.03
CA GLY B 301 12.58 -5.23 -8.90
C GLY B 301 11.11 -5.58 -8.97
N THR C 1 2.86 -0.58 0.48
CA THR C 1 3.77 -1.68 0.91
C THR C 1 3.31 -2.99 0.31
N PHE C 2 4.18 -3.99 0.31
CA PHE C 2 3.81 -5.30 -0.14
C PHE C 2 2.70 -5.85 0.75
N LYS C 3 2.73 -5.56 2.05
CA LYS C 3 1.65 -6.06 2.92
C LYS C 3 0.30 -5.51 2.48
N LYS C 4 0.26 -4.23 2.16
CA LYS C 4 -0.96 -3.60 1.67
C LYS C 4 -1.43 -4.25 0.38
N THR C 5 -0.52 -4.45 -0.58
CA THR C 5 -0.96 -4.78 -1.94
C THR C 5 -0.96 -6.25 -2.36
N ASN C 6 -0.14 -7.09 -1.70
CA ASN C 6 -0.03 -8.49 -2.09
C ASN C 6 -1.39 -9.16 -2.17
N THR D 1 27.38 32.34 -7.38
CA THR D 1 28.17 31.10 -7.11
C THR D 1 27.56 29.92 -7.84
N PHE D 2 28.37 28.92 -8.13
CA PHE D 2 27.84 27.70 -8.72
C PHE D 2 26.79 27.08 -7.83
N LYS D 3 26.94 27.17 -6.51
CA LYS D 3 25.92 26.58 -5.62
C LYS D 3 24.57 27.23 -5.84
N LYS D 4 24.56 28.55 -5.95
CA LYS D 4 23.33 29.30 -6.16
C LYS D 4 22.66 28.87 -7.46
N THR D 5 23.41 28.79 -8.55
CA THR D 5 22.80 28.76 -9.89
C THR D 5 22.68 27.36 -10.45
N ASN D 6 23.67 26.17 -9.94
CA ASN D 6 23.62 24.89 -10.61
C ASN D 6 22.23 24.27 -10.61
#